data_2Y30
#
_entry.id   2Y30
#
_cell.length_a   147.370
_cell.length_b   83.910
_cell.length_c   45.470
_cell.angle_alpha   90.00
_cell.angle_beta   90.94
_cell.angle_gamma   90.00
#
_symmetry.space_group_name_H-M   'C 1 2 1'
#
loop_
_entity.id
_entity.type
_entity.pdbx_description
1 polymer 'PUTATIVE REPRESSOR SIMREG2'
2 non-polymer 'SIMOCYCLINONE D8'
3 non-polymer 'CHLORIDE ION'
4 water water
#
_entity_poly.entity_id   1
_entity_poly.type   'polypeptide(L)'
_entity_poly.pdbx_seq_one_letter_code
;MNENEPVSIWMHPEPAGRRSARSHRTLSRDQIVRAAVKVADTEGVEAASMRRVAAELGAGTMSLYYYVPTKEDLVELMVD
EVIGETRLPDRPGPDWRAALTLAANEKRALWLRHPWLATAWRNGHPVWGPNSLRQQEFVLGTLGVFDLQVDELLSLIGLY
NGYVESFVRNEVGWLEEARRTKVDMREWMRRSGPYAQQLVDSGEYPMFARVLAETVAPHMGPDQRFRSGLERLLDSIGAS
LDRLSPPGRSAASERPALALEHHHHHH
;
_entity_poly.pdbx_strand_id   A,B
#
loop_
_chem_comp.id
_chem_comp.type
_chem_comp.name
_chem_comp.formula
CL non-polymer 'CHLORIDE ION' 'Cl -1'
SM8 non-polymer 'SIMOCYCLINONE D8' 'C46 H42 Cl N O18'
#
# COMPACT_ATOMS: atom_id res chain seq x y z
N GLU A 5 17.27 25.25 -6.98
CA GLU A 5 17.20 23.75 -7.02
C GLU A 5 17.61 23.12 -5.68
N PRO A 6 16.61 22.75 -4.83
CA PRO A 6 16.86 22.13 -3.51
C PRO A 6 17.77 20.90 -3.56
N VAL A 7 18.66 20.78 -2.59
CA VAL A 7 19.46 19.56 -2.45
C VAL A 7 18.73 18.62 -1.50
N SER A 8 18.97 17.32 -1.67
CA SER A 8 18.42 16.34 -0.76
C SER A 8 18.75 16.69 0.71
N ILE A 9 17.78 16.48 1.60
CA ILE A 9 18.01 16.54 3.03
C ILE A 9 19.16 15.60 3.43
N TRP A 10 19.41 14.53 2.69
CA TRP A 10 20.43 13.54 3.05
C TRP A 10 21.81 13.87 2.55
N MET A 11 21.92 14.86 1.67
CA MET A 11 23.19 15.21 1.06
C MET A 11 24.16 15.85 2.07
N LEU A 27 21.01 22.73 19.94
CA LEU A 27 20.04 22.37 18.90
C LEU A 27 20.71 21.64 17.72
N SER A 28 20.40 20.34 17.58
CA SER A 28 20.90 19.54 16.46
C SER A 28 19.76 18.81 15.77
N ARG A 29 20.04 18.33 14.56
CA ARG A 29 19.07 17.55 13.80
C ARG A 29 18.54 16.35 14.58
N ASP A 30 19.42 15.56 15.19
CA ASP A 30 19.02 14.33 15.88
CA ASP A 30 19.03 14.33 15.93
C ASP A 30 18.03 14.59 17.04
N GLN A 31 18.17 15.74 17.74
CA GLN A 31 17.19 16.09 18.79
C GLN A 31 15.88 16.66 18.23
N ILE A 32 15.92 17.36 17.09
CA ILE A 32 14.67 17.76 16.42
C ILE A 32 13.86 16.53 15.96
N VAL A 33 14.55 15.54 15.40
CA VAL A 33 13.90 14.35 14.85
C VAL A 33 13.36 13.44 15.97
N ARG A 34 14.19 13.07 16.94
CA ARG A 34 13.76 12.27 18.10
C ARG A 34 12.53 12.87 18.81
N ALA A 35 12.50 14.21 18.85
CA ALA A 35 11.36 14.95 19.37
C ALA A 35 10.10 14.90 18.47
N ALA A 36 10.29 14.90 17.14
CA ALA A 36 9.15 14.71 16.23
C ALA A 36 8.60 13.29 16.36
N VAL A 37 9.49 12.32 16.50
CA VAL A 37 9.08 10.93 16.63
C VAL A 37 8.19 10.67 17.85
N LYS A 38 8.47 11.32 18.98
CA LYS A 38 7.69 11.14 20.23
C LYS A 38 6.23 11.65 20.14
N VAL A 39 6.05 12.75 19.44
CA VAL A 39 4.74 13.36 19.23
C VAL A 39 3.92 12.61 18.21
N ALA A 40 4.60 11.91 17.31
CA ALA A 40 3.96 11.13 16.25
C ALA A 40 3.60 9.76 16.79
N ASP A 41 4.48 9.18 17.59
CA ASP A 41 4.21 7.90 18.23
C ASP A 41 2.91 7.97 19.03
N THR A 42 2.87 8.91 19.97
CA THR A 42 1.79 9.08 20.91
C THR A 42 0.55 9.73 20.32
N GLU A 43 0.70 10.64 19.37
CA GLU A 43 -0.43 11.45 18.88
C GLU A 43 -0.48 11.58 17.36
N GLY A 44 0.16 10.66 16.65
CA GLY A 44 0.10 10.65 15.20
C GLY A 44 0.88 11.74 14.51
N VAL A 45 1.16 11.54 13.24
CA VAL A 45 2.13 12.33 12.49
C VAL A 45 1.74 13.79 12.31
N GLU A 46 0.46 14.09 12.54
CA GLU A 46 -0.07 15.44 12.40
C GLU A 46 0.28 16.27 13.63
N ALA A 47 0.19 15.63 14.79
CA ALA A 47 0.58 16.23 16.06
C ALA A 47 2.10 16.49 16.22
N ALA A 48 2.90 16.34 15.16
CA ALA A 48 4.34 16.60 15.26
C ALA A 48 4.78 17.49 14.13
N SER A 49 4.44 18.78 14.23
CA SER A 49 4.86 19.78 13.25
C SER A 49 6.08 20.54 13.77
N MET A 50 6.57 21.48 12.97
CA MET A 50 7.74 22.27 13.35
C MET A 50 7.39 23.18 14.55
N ARG A 51 6.22 23.82 14.51
CA ARG A 51 5.70 24.58 15.65
C ARG A 51 5.77 23.72 16.93
N ARG A 52 5.10 22.59 16.90
CA ARG A 52 5.01 21.68 18.06
C ARG A 52 6.37 21.05 18.47
N VAL A 53 7.26 20.82 17.49
CA VAL A 53 8.60 20.29 17.77
C VAL A 53 9.52 21.36 18.40
N ALA A 54 9.42 22.59 17.90
CA ALA A 54 10.12 23.74 18.50
C ALA A 54 9.74 23.85 19.97
N ALA A 55 8.44 24.00 20.20
CA ALA A 55 7.88 24.10 21.55
C ALA A 55 8.53 23.07 22.48
N GLU A 56 8.51 21.81 22.06
CA GLU A 56 8.95 20.70 22.90
C GLU A 56 10.44 20.80 23.27
N LEU A 57 11.25 21.39 22.37
CA LEU A 57 12.71 21.46 22.56
C LEU A 57 13.20 22.67 23.37
N GLY A 58 12.30 23.63 23.60
CA GLY A 58 12.65 24.86 24.30
C GLY A 58 13.33 25.85 23.37
N ALA A 59 12.90 25.84 22.10
CA ALA A 59 13.47 26.71 21.07
C ALA A 59 12.38 27.31 20.19
N GLY A 60 12.77 28.02 19.13
CA GLY A 60 11.83 28.84 18.34
C GLY A 60 11.57 28.45 16.87
N THR A 61 10.36 28.78 16.43
CA THR A 61 9.80 28.40 15.11
C THR A 61 10.74 28.40 13.90
N MET A 62 11.62 29.39 13.79
CA MET A 62 12.41 29.57 12.56
C MET A 62 13.84 29.02 12.69
N SER A 63 14.30 28.78 13.92
CA SER A 63 15.63 28.22 14.12
C SER A 63 15.73 26.80 13.55
N LEU A 64 14.61 26.07 13.59
CA LEU A 64 14.55 24.68 13.10
C LEU A 64 14.68 24.61 11.59
N TYR A 65 14.13 25.58 10.89
CA TYR A 65 14.19 25.56 9.43
C TYR A 65 15.62 25.59 8.89
N TYR A 66 16.61 25.89 9.74
CA TYR A 66 18.00 25.82 9.30
C TYR A 66 18.42 24.37 9.10
N TYR A 67 18.05 23.50 10.05
CA TYR A 67 18.37 22.09 10.00
C TYR A 67 17.42 21.28 9.10
N VAL A 68 16.14 21.67 9.08
CA VAL A 68 15.10 20.91 8.37
C VAL A 68 14.13 21.84 7.65
N PRO A 69 14.38 22.11 6.36
CA PRO A 69 13.62 23.04 5.52
C PRO A 69 12.10 22.84 5.40
N THR A 70 11.65 21.60 5.23
CA THR A 70 10.24 21.32 4.93
C THR A 70 9.73 20.24 5.84
N LYS A 71 8.42 20.19 6.05
CA LYS A 71 7.79 19.14 6.88
C LYS A 71 7.95 17.77 6.21
N GLU A 72 7.92 17.75 4.89
CA GLU A 72 8.14 16.52 4.15
C GLU A 72 9.55 15.99 4.43
N ASP A 73 10.55 16.88 4.37
CA ASP A 73 11.90 16.57 4.80
C ASP A 73 11.93 16.04 6.22
N LEU A 74 11.09 16.59 7.10
CA LEU A 74 11.07 16.14 8.49
C LEU A 74 10.57 14.71 8.64
N VAL A 75 9.58 14.33 7.84
CA VAL A 75 8.95 13.01 7.94
C VAL A 75 9.92 11.95 7.46
N GLU A 76 10.58 12.26 6.37
CA GLU A 76 11.65 11.45 5.79
C GLU A 76 12.77 11.15 6.80
N LEU A 77 13.15 12.15 7.60
CA LEU A 77 14.10 11.92 8.67
C LEU A 77 13.48 11.12 9.80
N MET A 78 12.21 11.34 10.08
CA MET A 78 11.55 10.56 11.13
C MET A 78 11.52 9.07 10.76
N VAL A 79 11.22 8.78 9.50
CA VAL A 79 11.14 7.41 9.01
C VAL A 79 12.50 6.70 9.15
N ASP A 80 13.56 7.32 8.67
CA ASP A 80 14.86 6.69 8.72
C ASP A 80 15.35 6.58 10.17
N GLU A 81 15.05 7.56 10.99
CA GLU A 81 15.41 7.48 12.42
C GLU A 81 14.89 6.20 13.10
N VAL A 82 13.58 5.96 13.05
CA VAL A 82 13.00 4.80 13.75
C VAL A 82 13.41 3.50 13.10
N ILE A 83 13.76 3.54 11.81
CA ILE A 83 14.19 2.33 11.14
C ILE A 83 15.53 1.89 11.72
N GLY A 84 16.21 2.81 12.38
CA GLY A 84 17.48 2.51 13.05
C GLY A 84 17.36 1.69 14.33
N GLU A 85 16.13 1.39 14.73
CA GLU A 85 15.86 0.50 15.86
C GLU A 85 15.93 -0.97 15.48
N THR A 86 15.96 -1.28 14.18
CA THR A 86 15.95 -2.67 13.72
C THR A 86 17.32 -2.97 13.17
N ARG A 87 17.79 -4.18 13.35
CA ARG A 87 19.11 -4.56 12.93
C ARG A 87 18.99 -5.88 12.24
N LEU A 88 19.02 -5.84 10.92
CA LEU A 88 19.01 -7.06 10.12
C LEU A 88 20.45 -7.46 9.94
N PRO A 89 20.71 -8.73 9.63
CA PRO A 89 22.07 -9.17 9.42
C PRO A 89 22.82 -8.41 8.31
N ASP A 90 24.15 -8.44 8.45
CA ASP A 90 25.16 -7.94 7.51
C ASP A 90 25.21 -8.61 6.17
N ARG A 91 24.73 -9.85 6.13
CA ARG A 91 25.04 -10.79 5.05
C ARG A 91 23.87 -11.65 4.70
N PRO A 92 23.82 -12.11 3.44
CA PRO A 92 22.62 -12.71 2.84
C PRO A 92 22.08 -13.98 3.51
N GLY A 93 22.92 -15.01 3.63
CA GLY A 93 22.46 -16.33 4.11
C GLY A 93 21.79 -17.15 2.99
N PRO A 94 22.09 -18.47 2.89
CA PRO A 94 21.47 -19.30 1.84
C PRO A 94 19.96 -19.61 2.00
N ASP A 95 19.44 -19.57 3.23
CA ASP A 95 18.02 -19.84 3.45
C ASP A 95 17.22 -18.58 3.18
N TRP A 96 16.79 -18.36 1.93
CA TRP A 96 16.09 -17.13 1.61
C TRP A 96 14.72 -17.02 2.25
N ARG A 97 14.13 -18.18 2.56
CA ARG A 97 12.81 -18.19 3.16
C ARG A 97 12.94 -17.65 4.58
N ALA A 98 13.92 -18.13 5.32
CA ALA A 98 14.13 -17.66 6.70
C ALA A 98 14.49 -16.18 6.74
N ALA A 99 15.31 -15.77 5.77
CA ALA A 99 15.74 -14.41 5.63
C ALA A 99 14.57 -13.49 5.42
N LEU A 100 13.74 -13.79 4.43
CA LEU A 100 12.60 -12.94 4.17
C LEU A 100 11.62 -12.97 5.37
N THR A 101 11.49 -14.12 6.03
CA THR A 101 10.67 -14.24 7.25
C THR A 101 11.14 -13.33 8.37
N LEU A 102 12.44 -13.31 8.61
CA LEU A 102 13.04 -12.42 9.61
C LEU A 102 12.75 -10.96 9.24
N ALA A 103 13.05 -10.59 8.01
CA ALA A 103 12.79 -9.21 7.53
C ALA A 103 11.35 -8.79 7.78
N ALA A 104 10.43 -9.67 7.42
CA ALA A 104 8.97 -9.48 7.58
C ALA A 104 8.61 -9.27 9.03
N ASN A 105 9.06 -10.18 9.91
CA ASN A 105 8.81 -10.03 11.38
C ASN A 105 9.36 -8.72 11.98
N GLU A 106 10.57 -8.35 11.56
CA GLU A 106 11.19 -7.11 12.00
C GLU A 106 10.47 -5.87 11.45
N LYS A 107 9.95 -5.91 10.21
CA LYS A 107 9.21 -4.77 9.66
C LYS A 107 7.85 -4.60 10.34
N ARG A 108 7.21 -5.73 10.64
CA ARG A 108 5.90 -5.67 11.28
C ARG A 108 6.02 -5.16 12.72
N ALA A 109 7.03 -5.59 13.46
CA ALA A 109 7.23 -5.14 14.84
C ALA A 109 7.45 -3.63 14.84
N LEU A 110 8.34 -3.15 13.97
CA LEU A 110 8.58 -1.71 13.80
C LEU A 110 7.28 -0.93 13.53
N TRP A 111 6.58 -1.30 12.46
CA TRP A 111 5.35 -0.61 12.09
C TRP A 111 4.35 -0.62 13.23
N LEU A 112 4.29 -1.73 13.97
CA LEU A 112 3.38 -1.75 15.11
C LEU A 112 3.79 -0.75 16.21
N ARG A 113 5.09 -0.60 16.45
CA ARG A 113 5.60 0.39 17.40
C ARG A 113 5.45 1.80 16.89
N HIS A 114 5.47 1.99 15.57
CA HIS A 114 5.33 3.31 14.98
C HIS A 114 4.27 3.27 13.87
N PRO A 115 2.98 3.26 14.26
CA PRO A 115 1.91 2.99 13.29
C PRO A 115 1.84 3.98 12.14
N TRP A 116 2.25 5.21 12.40
CA TRP A 116 2.27 6.19 11.34
C TRP A 116 3.20 5.78 10.19
N LEU A 117 4.05 4.77 10.43
CA LEU A 117 4.86 4.27 9.32
C LEU A 117 3.97 3.78 8.17
N ALA A 118 2.83 3.19 8.52
CA ALA A 118 1.95 2.62 7.49
C ALA A 118 1.33 3.66 6.56
N THR A 119 1.22 4.91 6.99
CA THR A 119 0.46 5.92 6.23
C THR A 119 1.23 7.19 5.89
N ALA A 120 2.23 7.52 6.70
CA ALA A 120 2.91 8.79 6.56
C ALA A 120 3.57 9.00 5.19
N TRP A 121 4.08 7.95 4.53
CA TRP A 121 4.72 8.18 3.23
C TRP A 121 3.74 8.34 2.09
N ARG A 122 3.66 9.57 1.60
CA ARG A 122 2.66 9.98 0.64
C ARG A 122 3.27 10.54 -0.66
N ASN A 123 4.59 10.54 -0.74
CA ASN A 123 5.28 11.05 -1.91
C ASN A 123 5.59 9.91 -2.85
N GLY A 124 5.97 10.23 -4.08
CA GLY A 124 6.49 9.24 -5.01
C GLY A 124 7.96 8.87 -4.82
N HIS A 125 8.80 9.81 -4.38
CA HIS A 125 10.24 9.55 -4.29
C HIS A 125 10.57 8.63 -3.10
N PRO A 126 11.54 7.72 -3.29
CA PRO A 126 11.95 6.80 -2.25
C PRO A 126 12.78 7.51 -1.16
N VAL A 127 12.67 7.00 0.07
CA VAL A 127 13.44 7.49 1.19
C VAL A 127 14.79 6.80 1.14
N TRP A 128 15.85 7.57 0.90
CA TRP A 128 17.22 7.05 0.78
C TRP A 128 18.10 7.50 1.98
N GLY A 129 17.57 7.43 3.19
CA GLY A 129 18.39 7.62 4.36
C GLY A 129 19.26 6.39 4.52
N PRO A 130 20.25 6.45 5.46
CA PRO A 130 21.19 5.35 5.64
C PRO A 130 20.63 4.11 6.32
N ASN A 131 19.73 4.30 7.29
CA ASN A 131 19.13 3.15 7.92
C ASN A 131 18.25 2.40 6.92
N SER A 132 17.46 3.11 6.11
CA SER A 132 16.59 2.48 5.09
C SER A 132 17.39 1.63 4.14
N LEU A 133 18.45 2.18 3.58
CA LEU A 133 19.28 1.47 2.59
C LEU A 133 20.08 0.31 3.21
N ARG A 134 20.44 0.43 4.47
CA ARG A 134 21.15 -0.64 5.18
C ARG A 134 20.21 -1.85 5.25
N GLN A 135 18.95 -1.59 5.54
CA GLN A 135 17.96 -2.66 5.59
C GLN A 135 17.64 -3.26 4.23
N GLN A 136 17.53 -2.42 3.21
CA GLN A 136 17.33 -2.88 1.84
C GLN A 136 18.47 -3.77 1.29
N GLU A 137 19.72 -3.54 1.69
CA GLU A 137 20.81 -4.40 1.26
C GLU A 137 20.56 -5.83 1.68
N PHE A 138 20.03 -6.02 2.87
CA PHE A 138 19.77 -7.37 3.31
C PHE A 138 18.60 -7.93 2.52
N VAL A 139 17.53 -7.18 2.36
CA VAL A 139 16.36 -7.76 1.70
C VAL A 139 16.69 -8.11 0.24
N LEU A 140 17.34 -7.17 -0.48
CA LEU A 140 17.76 -7.39 -1.86
C LEU A 140 18.84 -8.45 -1.97
N GLY A 141 19.70 -8.56 -0.99
CA GLY A 141 20.74 -9.60 -1.00
C GLY A 141 20.19 -11.01 -0.86
N THR A 142 18.98 -11.18 -0.32
CA THR A 142 18.47 -12.52 -0.09
C THR A 142 18.30 -13.40 -1.35
N LEU A 143 17.91 -12.79 -2.46
CA LEU A 143 17.78 -13.51 -3.74
C LEU A 143 18.97 -13.23 -4.68
N GLY A 144 19.90 -12.39 -4.23
CA GLY A 144 21.12 -12.09 -4.99
C GLY A 144 21.88 -13.35 -5.33
N VAL A 145 21.76 -14.38 -4.49
CA VAL A 145 22.23 -15.73 -4.82
C VAL A 145 21.93 -16.10 -6.26
N PHE A 146 20.74 -15.74 -6.73
CA PHE A 146 20.19 -16.32 -7.96
C PHE A 146 20.58 -15.57 -9.24
N ASP A 147 20.29 -16.22 -10.34
CA ASP A 147 20.72 -15.81 -11.66
C ASP A 147 19.85 -14.68 -12.24
N LEU A 148 19.22 -13.85 -11.38
CA LEU A 148 18.13 -12.97 -11.82
C LEU A 148 18.56 -11.67 -12.51
N GLN A 149 17.86 -11.31 -13.58
CA GLN A 149 17.85 -9.93 -14.06
C GLN A 149 17.36 -9.07 -12.91
N VAL A 150 17.93 -7.89 -12.72
CA VAL A 150 17.66 -7.09 -11.51
C VAL A 150 16.21 -6.68 -11.42
N ASP A 151 15.55 -6.43 -12.55
CA ASP A 151 14.14 -6.04 -12.49
C ASP A 151 13.22 -7.20 -12.08
N GLU A 152 13.69 -8.42 -12.27
CA GLU A 152 12.96 -9.62 -11.80
C GLU A 152 13.11 -9.78 -10.32
N LEU A 153 14.33 -9.67 -9.85
CA LEU A 153 14.60 -9.56 -8.42
C LEU A 153 13.66 -8.55 -7.79
N LEU A 154 13.58 -7.35 -8.38
CA LEU A 154 12.76 -6.32 -7.78
C LEU A 154 11.28 -6.70 -7.82
N SER A 155 10.91 -7.49 -8.83
CA SER A 155 9.50 -7.84 -8.98
C SER A 155 9.11 -8.82 -7.86
N LEU A 156 9.96 -9.81 -7.59
CA LEU A 156 9.69 -10.80 -6.53
C LEU A 156 9.79 -10.20 -5.11
N ILE A 157 10.70 -9.25 -4.93
CA ILE A 157 10.78 -8.51 -3.70
C ILE A 157 9.51 -7.64 -3.52
N GLY A 158 9.01 -7.08 -4.62
CA GLY A 158 7.74 -6.35 -4.63
C GLY A 158 6.56 -7.19 -4.13
N LEU A 159 6.53 -8.45 -4.50
CA LEU A 159 5.46 -9.32 -4.06
C LEU A 159 5.57 -9.54 -2.55
N TYR A 160 6.79 -9.76 -2.10
CA TYR A 160 7.07 -9.98 -0.68
C TYR A 160 6.74 -8.71 0.13
N ASN A 161 7.18 -7.57 -0.34
CA ASN A 161 7.01 -6.32 0.43
C ASN A 161 5.56 -5.91 0.46
N GLY A 162 4.85 -6.10 -0.64
CA GLY A 162 3.42 -5.79 -0.72
C GLY A 162 2.63 -6.64 0.24
N TYR A 163 2.98 -7.91 0.36
CA TYR A 163 2.33 -8.74 1.35
C TYR A 163 2.50 -8.11 2.73
N VAL A 164 3.73 -7.80 3.11
CA VAL A 164 3.99 -7.35 4.48
C VAL A 164 3.29 -6.05 4.67
N GLU A 165 3.48 -5.14 3.75
CA GLU A 165 2.90 -3.81 3.84
C GLU A 165 1.36 -3.75 3.90
N SER A 166 0.65 -4.44 3.01
CA SER A 166 -0.84 -4.49 3.10
C SER A 166 -1.30 -5.11 4.39
N PHE A 167 -0.65 -6.20 4.79
CA PHE A 167 -1.03 -6.88 6.01
C PHE A 167 -0.95 -5.92 7.18
N VAL A 168 0.24 -5.38 7.44
CA VAL A 168 0.43 -4.56 8.64
C VAL A 168 -0.36 -3.25 8.54
N ARG A 169 -0.48 -2.68 7.34
CA ARG A 169 -1.23 -1.44 7.24
C ARG A 169 -2.71 -1.69 7.53
N ASN A 170 -3.22 -2.87 7.16
CA ASN A 170 -4.60 -3.23 7.51
C ASN A 170 -4.71 -3.51 8.96
N GLU A 171 -3.72 -4.19 9.50
CA GLU A 171 -3.70 -4.45 10.95
C GLU A 171 -3.74 -3.13 11.75
N VAL A 172 -2.94 -2.15 11.35
CA VAL A 172 -2.99 -0.81 11.99
C VAL A 172 -4.34 -0.10 11.76
N GLY A 173 -4.92 -0.27 10.58
CA GLY A 173 -6.23 0.31 10.29
C GLY A 173 -7.27 -0.14 11.29
N TRP A 174 -7.26 -1.43 11.63
CA TRP A 174 -8.19 -2.00 12.62
C TRP A 174 -7.98 -1.41 14.00
N LEU A 175 -6.74 -1.28 14.43
CA LEU A 175 -6.43 -0.65 15.71
C LEU A 175 -6.99 0.77 15.77
N GLU A 176 -6.81 1.52 14.71
CA GLU A 176 -7.28 2.91 14.66
C GLU A 176 -8.80 2.99 14.56
N GLU A 177 -9.38 2.19 13.68
CA GLU A 177 -10.84 2.09 13.57
C GLU A 177 -11.44 1.74 14.93
N ALA A 178 -10.90 0.74 15.61
CA ALA A 178 -11.44 0.32 16.91
C ALA A 178 -11.36 1.41 18.00
N ARG A 179 -10.31 2.21 18.02
CA ARG A 179 -10.28 3.35 18.95
C ARG A 179 -11.47 4.30 18.70
N ARG A 180 -11.80 4.52 17.43
CA ARG A 180 -12.93 5.36 17.05
C ARG A 180 -14.28 4.71 17.30
N THR A 181 -14.43 3.42 16.98
CA THR A 181 -15.73 2.72 17.05
C THR A 181 -15.93 1.83 18.27
N LYS A 182 -14.85 1.47 18.94
CA LYS A 182 -14.91 0.45 20.00
C LYS A 182 -15.36 -0.95 19.49
N VAL A 183 -15.24 -1.17 18.19
CA VAL A 183 -15.57 -2.46 17.59
C VAL A 183 -14.32 -2.98 16.87
N ASP A 184 -13.71 -4.03 17.41
CA ASP A 184 -12.48 -4.58 16.78
C ASP A 184 -12.80 -5.57 15.65
N MET A 185 -11.75 -6.16 15.06
CA MET A 185 -11.92 -7.09 13.94
C MET A 185 -12.89 -8.23 14.20
N ARG A 186 -12.77 -8.87 15.38
CA ARG A 186 -13.61 -10.01 15.69
CA ARG A 186 -13.60 -10.01 15.76
C ARG A 186 -15.05 -9.56 15.91
N GLU A 187 -15.25 -8.49 16.65
CA GLU A 187 -16.56 -7.97 16.85
C GLU A 187 -17.16 -7.47 15.55
N TRP A 188 -16.35 -7.00 14.62
CA TRP A 188 -16.89 -6.55 13.34
C TRP A 188 -17.37 -7.77 12.51
N MET A 189 -16.59 -8.86 12.51
CA MET A 189 -17.02 -10.06 11.78
C MET A 189 -18.34 -10.58 12.38
N ARG A 190 -18.42 -10.58 13.71
CA ARG A 190 -19.60 -11.06 14.41
C ARG A 190 -20.79 -10.19 14.02
N ARG A 191 -20.63 -8.87 14.10
CA ARG A 191 -21.75 -7.93 13.87
C ARG A 191 -22.24 -7.83 12.44
N SER A 192 -21.39 -8.24 11.52
CA SER A 192 -21.67 -8.14 10.11
C SER A 192 -22.29 -9.45 9.57
N GLY A 193 -22.43 -10.48 10.42
CA GLY A 193 -23.00 -11.74 10.01
C GLY A 193 -24.35 -11.61 9.32
N PRO A 194 -25.27 -10.83 9.91
CA PRO A 194 -26.58 -10.75 9.26
C PRO A 194 -26.54 -10.17 7.84
N TYR A 195 -25.74 -9.14 7.65
CA TYR A 195 -25.60 -8.48 6.35
C TYR A 195 -24.86 -9.39 5.35
N ALA A 196 -23.80 -10.04 5.79
CA ALA A 196 -23.12 -11.05 4.94
C ALA A 196 -24.11 -12.15 4.54
N GLN A 197 -24.99 -12.53 5.47
CA GLN A 197 -26.01 -13.54 5.16
C GLN A 197 -27.05 -13.00 4.16
N GLN A 198 -27.45 -11.72 4.28
CA GLN A 198 -28.33 -11.13 3.24
C GLN A 198 -27.64 -11.19 1.87
N LEU A 199 -26.36 -10.83 1.84
CA LEU A 199 -25.55 -10.84 0.61
C LEU A 199 -25.42 -12.24 -0.02
N VAL A 200 -25.22 -13.28 0.79
CA VAL A 200 -25.20 -14.63 0.26
C VAL A 200 -26.59 -15.02 -0.30
N ASP A 201 -27.66 -14.63 0.40
CA ASP A 201 -29.06 -14.95 0.02
C ASP A 201 -29.47 -14.29 -1.28
N SER A 202 -28.84 -13.18 -1.65
CA SER A 202 -29.14 -12.54 -2.94
C SER A 202 -28.81 -13.45 -4.14
N GLY A 203 -27.83 -14.32 -3.98
CA GLY A 203 -27.33 -15.16 -5.06
C GLY A 203 -26.33 -14.50 -6.00
N GLU A 204 -26.04 -13.23 -5.79
CA GLU A 204 -25.27 -12.46 -6.78
C GLU A 204 -23.76 -12.50 -6.55
N TYR A 205 -23.33 -13.03 -5.42
CA TYR A 205 -21.93 -12.91 -4.99
C TYR A 205 -21.38 -14.27 -4.62
N PRO A 206 -21.28 -15.17 -5.60
CA PRO A 206 -20.83 -16.53 -5.33
C PRO A 206 -19.40 -16.65 -4.82
N MET A 207 -18.49 -15.77 -5.22
CA MET A 207 -17.07 -15.83 -4.73
C MET A 207 -16.93 -15.29 -3.32
N PHE A 208 -17.61 -14.18 -3.03
CA PHE A 208 -17.88 -13.73 -1.67
C PHE A 208 -18.43 -14.85 -0.75
N ALA A 209 -19.40 -15.63 -1.24
CA ALA A 209 -19.99 -16.73 -0.42
C ALA A 209 -18.98 -17.84 -0.12
N ARG A 210 -18.28 -18.24 -1.15
CA ARG A 210 -17.23 -19.22 -0.99
C ARG A 210 -16.16 -18.78 -0.01
N VAL A 211 -15.76 -17.52 -0.12
CA VAL A 211 -14.74 -17.02 0.80
C VAL A 211 -15.25 -17.13 2.23
N LEU A 212 -16.47 -16.63 2.48
CA LEU A 212 -16.96 -16.62 3.85
C LEU A 212 -17.13 -18.04 4.41
N ALA A 213 -17.49 -18.99 3.54
CA ALA A 213 -17.76 -20.37 3.97
C ALA A 213 -16.50 -21.17 4.17
N GLU A 214 -15.42 -20.83 3.48
CA GLU A 214 -14.23 -21.67 3.47
C GLU A 214 -12.95 -21.03 4.01
N THR A 215 -12.92 -19.71 4.20
CA THR A 215 -11.71 -19.10 4.66
C THR A 215 -11.35 -19.56 6.07
N VAL A 216 -10.06 -19.75 6.30
CA VAL A 216 -9.52 -19.91 7.64
C VAL A 216 -8.87 -18.65 8.21
N ALA A 217 -8.10 -17.94 7.39
CA ALA A 217 -7.22 -16.86 7.87
C ALA A 217 -7.83 -15.94 8.94
N PRO A 218 -8.99 -15.31 8.63
CA PRO A 218 -9.48 -14.29 9.57
C PRO A 218 -9.95 -14.86 10.94
N HIS A 219 -9.91 -16.20 11.08
CA HIS A 219 -10.17 -16.90 12.36
C HIS A 219 -8.90 -17.30 13.12
N MET A 220 -7.74 -16.96 12.56
CA MET A 220 -6.46 -17.21 13.22
C MET A 220 -6.21 -15.93 13.96
N GLY A 221 -5.33 -15.94 14.95
CA GLY A 221 -4.87 -14.67 15.50
C GLY A 221 -3.93 -14.04 14.49
N PRO A 222 -3.62 -12.76 14.68
CA PRO A 222 -2.81 -11.98 13.73
C PRO A 222 -1.44 -12.57 13.49
N ASP A 223 -0.76 -13.01 14.55
CA ASP A 223 0.56 -13.57 14.40
C ASP A 223 0.50 -14.85 13.58
N GLN A 224 -0.52 -15.69 13.78
CA GLN A 224 -0.55 -16.97 13.07
C GLN A 224 -0.94 -16.66 11.62
N ARG A 225 -1.87 -15.71 11.43
CA ARG A 225 -2.31 -15.33 10.10
C ARG A 225 -1.18 -14.68 9.30
N PHE A 226 -0.43 -13.80 9.93
CA PHE A 226 0.76 -13.25 9.31
C PHE A 226 1.71 -14.29 8.77
N ARG A 227 2.01 -15.30 9.58
CA ARG A 227 2.95 -16.35 9.20
C ARG A 227 2.43 -17.25 8.10
N SER A 228 1.19 -17.68 8.22
CA SER A 228 0.52 -18.51 7.20
C SER A 228 0.50 -17.84 5.81
N GLY A 229 0.02 -16.62 5.73
CA GLY A 229 0.10 -15.86 4.44
C GLY A 229 1.52 -15.70 3.88
N LEU A 230 2.48 -15.49 4.79
CA LEU A 230 3.89 -15.45 4.42
C LEU A 230 4.32 -16.76 3.80
N GLU A 231 3.91 -17.87 4.38
CA GLU A 231 4.33 -19.14 3.87
C GLU A 231 3.85 -19.37 2.45
N ARG A 232 2.62 -18.95 2.12
CA ARG A 232 2.07 -19.13 0.78
C ARG A 232 2.77 -18.20 -0.20
N LEU A 233 3.04 -16.97 0.26
CA LEU A 233 3.85 -16.04 -0.53
C LEU A 233 5.20 -16.63 -0.90
N LEU A 234 5.89 -17.18 0.10
CA LEU A 234 7.25 -17.73 -0.13
C LEU A 234 7.13 -18.86 -1.11
N ASP A 235 6.12 -19.71 -1.00
CA ASP A 235 5.95 -20.80 -1.96
C ASP A 235 5.81 -20.28 -3.39
N SER A 236 5.12 -19.15 -3.59
CA SER A 236 5.04 -18.52 -4.90
C SER A 236 6.34 -17.93 -5.35
N ILE A 237 7.09 -17.30 -4.45
CA ILE A 237 8.44 -16.87 -4.85
C ILE A 237 9.25 -18.08 -5.27
N GLY A 238 9.21 -19.15 -4.50
CA GLY A 238 9.98 -20.34 -4.86
C GLY A 238 9.67 -20.89 -6.23
N ALA A 239 8.39 -20.87 -6.60
CA ALA A 239 7.96 -21.44 -7.88
C ALA A 239 8.48 -20.59 -9.02
N SER A 240 8.53 -19.29 -8.85
CA SER A 240 9.15 -18.44 -9.88
C SER A 240 10.66 -18.62 -9.92
N LEU A 241 11.32 -18.81 -8.79
CA LEU A 241 12.78 -19.00 -8.81
C LEU A 241 13.15 -20.27 -9.55
N ASP A 242 12.38 -21.32 -9.30
CA ASP A 242 12.64 -22.58 -9.93
C ASP A 242 12.53 -22.51 -11.44
N ARG A 243 11.57 -21.76 -11.95
CA ARG A 243 11.34 -21.60 -13.39
CA ARG A 243 11.38 -21.63 -13.39
C ARG A 243 12.43 -20.72 -14.03
N LEU A 244 12.85 -19.69 -13.30
CA LEU A 244 13.79 -18.68 -13.83
C LEU A 244 15.29 -18.93 -13.58
N SER A 245 15.60 -19.93 -12.75
CA SER A 245 16.95 -20.08 -12.20
C SER A 245 17.14 -21.44 -11.52
N PRO A 246 17.04 -22.53 -12.31
CA PRO A 246 17.11 -23.86 -11.70
C PRO A 246 18.52 -24.22 -11.26
N SER B 8 -24.82 -1.11 9.54
CA SER B 8 -24.12 -0.97 8.22
C SER B 8 -24.82 0.04 7.31
N ILE B 9 -24.01 0.83 6.61
CA ILE B 9 -24.50 1.90 5.76
C ILE B 9 -25.07 1.28 4.47
N TRP B 10 -24.76 0.01 4.27
CA TRP B 10 -25.34 -0.81 3.23
C TRP B 10 -26.50 -1.58 3.85
N SER B 28 -31.76 12.31 -1.51
CA SER B 28 -31.06 11.18 -2.13
C SER B 28 -29.55 11.23 -1.83
N ARG B 29 -29.13 10.29 -0.99
CA ARG B 29 -27.73 10.05 -0.66
C ARG B 29 -26.81 10.10 -1.88
N ASP B 30 -27.21 9.42 -2.94
CA ASP B 30 -26.38 9.30 -4.13
C ASP B 30 -25.95 10.64 -4.67
N GLN B 31 -26.85 11.62 -4.73
CA GLN B 31 -26.45 12.92 -5.27
C GLN B 31 -25.46 13.60 -4.33
N ILE B 32 -25.55 13.34 -3.03
CA ILE B 32 -24.56 13.83 -2.08
C ILE B 32 -23.18 13.25 -2.40
N VAL B 33 -23.13 11.93 -2.55
CA VAL B 33 -21.89 11.22 -2.82
C VAL B 33 -21.25 11.73 -4.11
N ARG B 34 -22.06 11.94 -5.15
CA ARG B 34 -21.50 12.44 -6.43
C ARG B 34 -20.87 13.81 -6.25
N ALA B 35 -21.51 14.69 -5.48
CA ALA B 35 -20.95 16.02 -5.24
C ALA B 35 -19.71 15.89 -4.39
N ALA B 36 -19.71 15.01 -3.40
CA ALA B 36 -18.46 14.71 -2.66
C ALA B 36 -17.33 14.33 -3.59
N VAL B 37 -17.58 13.33 -4.44
CA VAL B 37 -16.59 12.88 -5.44
C VAL B 37 -16.05 14.05 -6.27
N LYS B 38 -16.95 14.86 -6.83
CA LYS B 38 -16.53 16.02 -7.63
C LYS B 38 -15.54 16.91 -6.88
N VAL B 39 -15.81 17.14 -5.60
CA VAL B 39 -14.92 17.98 -4.77
C VAL B 39 -13.61 17.28 -4.50
N ALA B 40 -13.67 16.03 -4.09
CA ALA B 40 -12.46 15.30 -3.75
C ALA B 40 -11.53 15.20 -4.95
N ASP B 41 -12.08 15.07 -6.15
CA ASP B 41 -11.26 14.93 -7.37
C ASP B 41 -10.45 16.20 -7.62
N THR B 42 -11.10 17.34 -7.41
CA THR B 42 -10.50 18.64 -7.65
C THR B 42 -9.55 19.02 -6.52
N GLU B 43 -10.05 18.93 -5.28
CA GLU B 43 -9.39 19.57 -4.12
C GLU B 43 -8.90 18.58 -3.03
N GLY B 44 -8.91 17.30 -3.35
CA GLY B 44 -8.55 16.29 -2.37
C GLY B 44 -9.70 16.03 -1.41
N VAL B 45 -9.62 14.92 -0.70
CA VAL B 45 -10.70 14.43 0.14
C VAL B 45 -10.89 15.26 1.42
N GLU B 46 -9.78 15.82 1.93
CA GLU B 46 -9.85 16.68 3.11
C GLU B 46 -10.79 17.85 2.82
N ALA B 47 -10.59 18.47 1.65
CA ALA B 47 -11.42 19.58 1.16
C ALA B 47 -12.89 19.20 0.94
N ALA B 48 -13.18 17.91 0.78
CA ALA B 48 -14.57 17.48 0.69
C ALA B 48 -15.11 17.34 2.09
N SER B 49 -15.08 18.45 2.85
CA SER B 49 -15.63 18.46 4.19
C SER B 49 -17.14 18.51 4.04
N MET B 50 -17.84 18.36 5.15
CA MET B 50 -19.28 18.23 5.13
C MET B 50 -19.96 19.57 4.84
N ARG B 51 -19.35 20.69 5.25
CA ARG B 51 -19.93 22.03 4.93
C ARG B 51 -19.87 22.24 3.43
N ARG B 52 -18.74 21.90 2.85
CA ARG B 52 -18.54 22.20 1.47
C ARG B 52 -19.50 21.38 0.61
N VAL B 53 -19.55 20.08 0.85
CA VAL B 53 -20.39 19.22 0.03
C VAL B 53 -21.80 19.78 0.03
N ALA B 54 -22.23 20.34 1.15
CA ALA B 54 -23.51 21.07 1.22
C ALA B 54 -23.54 22.25 0.25
N ALA B 55 -22.60 23.17 0.41
CA ALA B 55 -22.38 24.27 -0.53
C ALA B 55 -22.51 23.79 -1.99
N GLU B 56 -21.74 22.78 -2.35
CA GLU B 56 -21.78 22.22 -3.69
C GLU B 56 -23.23 21.84 -4.11
N LEU B 57 -24.02 21.26 -3.22
CA LEU B 57 -25.39 20.82 -3.56
C LEU B 57 -26.47 21.90 -3.53
N GLY B 58 -26.21 23.02 -2.86
CA GLY B 58 -27.25 24.00 -2.61
C GLY B 58 -28.21 23.56 -1.53
N ALA B 59 -27.66 23.01 -0.45
CA ALA B 59 -28.41 22.69 0.76
C ALA B 59 -27.58 23.15 1.97
N GLY B 60 -28.20 23.14 3.14
CA GLY B 60 -27.49 23.50 4.37
C GLY B 60 -27.08 22.22 5.03
N THR B 61 -26.04 22.26 5.83
CA THR B 61 -25.44 21.05 6.36
C THR B 61 -26.40 20.11 7.12
N MET B 62 -27.48 20.62 7.70
CA MET B 62 -28.32 19.80 8.63
C MET B 62 -29.03 18.61 7.98
N SER B 63 -29.35 18.73 6.70
CA SER B 63 -29.96 17.63 5.96
C SER B 63 -28.88 16.62 5.51
N LEU B 64 -27.72 17.10 5.08
CA LEU B 64 -26.63 16.18 4.71
C LEU B 64 -26.45 15.08 5.77
N TYR B 65 -26.33 15.50 7.02
CA TYR B 65 -26.04 14.60 8.14
C TYR B 65 -27.14 13.54 8.37
N TYR B 66 -28.38 13.86 8.00
CA TYR B 66 -29.46 12.89 8.08
C TYR B 66 -29.18 11.65 7.23
N TYR B 67 -28.75 11.87 6.00
CA TYR B 67 -28.50 10.79 5.06
C TYR B 67 -27.12 10.16 5.26
N VAL B 68 -26.14 10.98 5.62
CA VAL B 68 -24.75 10.53 5.74
C VAL B 68 -24.22 10.99 7.11
N PRO B 69 -24.34 10.12 8.14
CA PRO B 69 -23.83 10.43 9.46
C PRO B 69 -22.43 11.06 9.50
N THR B 70 -21.39 10.26 9.23
CA THR B 70 -20.02 10.68 9.43
C THR B 70 -19.29 10.93 8.10
N LYS B 71 -18.16 11.62 8.15
CA LYS B 71 -17.29 11.80 6.99
C LYS B 71 -16.66 10.46 6.62
N GLU B 72 -16.55 9.57 7.60
CA GLU B 72 -16.00 8.25 7.39
C GLU B 72 -16.96 7.43 6.55
N ASP B 73 -18.26 7.58 6.82
CA ASP B 73 -19.30 6.95 6.02
C ASP B 73 -19.30 7.49 4.59
N LEU B 74 -19.18 8.80 4.44
CA LEU B 74 -19.18 9.41 3.12
C LEU B 74 -18.04 8.88 2.27
N VAL B 75 -16.84 8.79 2.85
CA VAL B 75 -15.69 8.29 2.11
C VAL B 75 -15.96 6.86 1.61
N GLU B 76 -16.54 6.06 2.48
CA GLU B 76 -16.92 4.69 2.15
C GLU B 76 -17.97 4.69 1.03
N LEU B 77 -18.96 5.57 1.11
CA LEU B 77 -19.94 5.71 0.03
C LEU B 77 -19.34 6.24 -1.29
N MET B 78 -18.34 7.10 -1.20
CA MET B 78 -17.67 7.62 -2.35
C MET B 78 -16.87 6.51 -3.04
N VAL B 79 -16.20 5.68 -2.24
CA VAL B 79 -15.39 4.58 -2.77
C VAL B 79 -16.27 3.72 -3.68
N ASP B 80 -17.35 3.25 -3.09
CA ASP B 80 -18.25 2.39 -3.82
C ASP B 80 -18.87 3.08 -5.01
N GLU B 81 -19.16 4.35 -4.84
CA GLU B 81 -19.84 5.12 -5.87
C GLU B 81 -19.02 5.19 -7.13
N VAL B 82 -17.73 5.45 -7.01
CA VAL B 82 -16.90 5.64 -8.18
C VAL B 82 -16.58 4.31 -8.82
N ILE B 83 -16.40 3.25 -8.04
CA ILE B 83 -16.23 1.92 -8.57
C ILE B 83 -17.41 1.54 -9.51
N GLY B 84 -18.59 2.08 -9.24
CA GLY B 84 -19.72 2.00 -10.17
C GLY B 84 -19.52 2.65 -11.55
N GLU B 85 -18.44 3.39 -11.74
CA GLU B 85 -18.16 4.03 -13.03
C GLU B 85 -17.69 2.94 -13.97
N THR B 86 -17.09 1.90 -13.38
CA THR B 86 -16.34 0.92 -14.10
C THR B 86 -17.19 -0.29 -14.38
N ARG B 87 -16.91 -0.95 -15.48
CA ARG B 87 -17.69 -2.08 -15.85
C ARG B 87 -16.73 -3.09 -16.40
N LEU B 88 -16.70 -4.24 -15.74
CA LEU B 88 -16.01 -5.41 -16.27
C LEU B 88 -17.07 -6.39 -16.87
N PRO B 89 -16.62 -7.39 -17.68
CA PRO B 89 -17.55 -8.37 -18.20
C PRO B 89 -18.30 -9.10 -17.10
N ASP B 90 -19.47 -9.64 -17.44
CA ASP B 90 -20.24 -10.42 -16.51
C ASP B 90 -19.45 -11.62 -16.01
N ARG B 91 -18.63 -12.24 -16.87
CA ARG B 91 -17.76 -13.32 -16.45
C ARG B 91 -16.41 -13.21 -17.11
N PRO B 92 -15.37 -13.66 -16.39
CA PRO B 92 -14.01 -13.43 -16.85
C PRO B 92 -13.58 -14.25 -18.04
N GLY B 93 -14.27 -15.35 -18.29
CA GLY B 93 -13.79 -16.35 -19.25
C GLY B 93 -12.55 -17.06 -18.71
N PRO B 94 -12.01 -18.02 -19.48
CA PRO B 94 -10.93 -18.89 -19.00
C PRO B 94 -9.51 -18.31 -19.09
N ASP B 95 -9.30 -17.21 -19.81
CA ASP B 95 -7.96 -16.61 -19.94
C ASP B 95 -7.73 -15.66 -18.78
N TRP B 96 -7.29 -16.20 -17.65
CA TRP B 96 -7.17 -15.43 -16.42
C TRP B 96 -6.11 -14.30 -16.53
N ARG B 97 -5.08 -14.50 -17.34
CA ARG B 97 -4.10 -13.45 -17.62
C ARG B 97 -4.76 -12.29 -18.34
N ALA B 98 -5.58 -12.55 -19.38
CA ALA B 98 -6.25 -11.42 -20.08
C ALA B 98 -7.32 -10.79 -19.20
N ALA B 99 -8.00 -11.58 -18.37
CA ALA B 99 -9.02 -10.99 -17.50
C ALA B 99 -8.42 -10.11 -16.39
N LEU B 100 -7.37 -10.58 -15.73
CA LEU B 100 -6.67 -9.77 -14.72
C LEU B 100 -6.06 -8.50 -15.33
N THR B 101 -5.54 -8.59 -16.57
CA THR B 101 -4.96 -7.47 -17.27
C THR B 101 -6.01 -6.38 -17.53
N LEU B 102 -7.18 -6.76 -18.03
CA LEU B 102 -8.33 -5.87 -18.12
C LEU B 102 -8.75 -5.26 -16.78
N ALA B 103 -8.78 -6.07 -15.73
CA ALA B 103 -9.10 -5.52 -14.43
C ALA B 103 -7.99 -4.54 -13.99
N ALA B 104 -6.73 -4.93 -14.14
CA ALA B 104 -5.62 -4.04 -13.82
C ALA B 104 -5.76 -2.63 -14.44
N ASN B 105 -5.93 -2.59 -15.76
CA ASN B 105 -6.01 -1.31 -16.50
C ASN B 105 -7.22 -0.53 -16.12
N GLU B 106 -8.34 -1.19 -15.86
CA GLU B 106 -9.48 -0.45 -15.33
C GLU B 106 -9.19 0.18 -13.97
N LYS B 107 -8.51 -0.54 -13.10
CA LYS B 107 -8.32 -0.09 -11.74
C LYS B 107 -7.30 1.05 -11.72
N ARG B 108 -6.23 0.88 -12.48
CA ARG B 108 -5.28 1.96 -12.64
C ARG B 108 -5.98 3.19 -13.18
N ALA B 109 -6.75 3.09 -14.26
CA ALA B 109 -7.38 4.33 -14.79
C ALA B 109 -8.32 4.94 -13.78
N LEU B 110 -8.93 4.13 -12.91
CA LEU B 110 -9.88 4.67 -11.91
C LEU B 110 -9.14 5.43 -10.82
N TRP B 111 -7.99 4.91 -10.39
CA TRP B 111 -7.22 5.58 -9.36
C TRP B 111 -6.58 6.87 -9.90
N LEU B 112 -6.08 6.86 -11.12
CA LEU B 112 -5.53 8.08 -11.72
C LEU B 112 -6.62 9.12 -11.83
N ARG B 113 -7.85 8.68 -12.11
CA ARG B 113 -8.95 9.63 -12.23
C ARG B 113 -9.42 10.15 -10.88
N HIS B 114 -9.26 9.32 -9.86
CA HIS B 114 -9.77 9.62 -8.53
C HIS B 114 -8.63 9.32 -7.56
N PRO B 115 -7.59 10.17 -7.57
CA PRO B 115 -6.35 9.83 -6.86
C PRO B 115 -6.53 9.59 -5.38
N TRP B 116 -7.59 10.15 -4.80
CA TRP B 116 -7.86 9.99 -3.40
C TRP B 116 -8.21 8.55 -3.03
N LEU B 117 -8.49 7.69 -4.02
CA LEU B 117 -8.70 6.27 -3.76
C LEU B 117 -7.45 5.59 -3.22
N ALA B 118 -6.29 6.10 -3.58
CA ALA B 118 -5.03 5.53 -3.17
C ALA B 118 -4.65 5.79 -1.70
N THR B 119 -5.23 6.81 -1.08
CA THR B 119 -4.81 7.19 0.28
C THR B 119 -5.95 7.36 1.27
N ALA B 120 -7.20 7.28 0.82
CA ALA B 120 -8.33 7.70 1.62
C ALA B 120 -8.80 6.59 2.56
N TRP B 121 -8.77 5.35 2.10
CA TRP B 121 -9.19 4.28 3.00
C TRP B 121 -8.18 4.07 4.14
N ARG B 122 -8.57 4.50 5.34
CA ARG B 122 -7.76 4.39 6.55
C ARG B 122 -8.20 3.25 7.50
N ASN B 123 -9.42 2.73 7.30
CA ASN B 123 -10.00 1.74 8.22
C ASN B 123 -9.55 0.30 7.95
N GLY B 124 -9.74 -0.55 8.95
CA GLY B 124 -9.50 -1.98 8.82
C GLY B 124 -10.59 -2.79 8.09
N HIS B 125 -11.85 -2.45 8.33
CA HIS B 125 -12.97 -3.23 7.78
C HIS B 125 -13.12 -3.05 6.25
N PRO B 126 -13.47 -4.12 5.55
CA PRO B 126 -13.53 -3.99 4.10
C PRO B 126 -14.83 -3.29 3.68
N VAL B 127 -14.86 -2.72 2.48
CA VAL B 127 -16.03 -2.04 1.95
C VAL B 127 -16.94 -2.98 1.25
N TRP B 128 -18.14 -3.21 1.77
CA TRP B 128 -19.03 -4.24 1.20
C TRP B 128 -20.23 -3.63 0.48
N GLY B 129 -19.96 -2.62 -0.31
CA GLY B 129 -20.98 -1.97 -1.12
C GLY B 129 -21.16 -2.78 -2.39
N PRO B 130 -22.28 -2.56 -3.09
CA PRO B 130 -22.64 -3.47 -4.21
C PRO B 130 -21.63 -3.45 -5.34
N ASN B 131 -21.11 -2.27 -5.65
CA ASN B 131 -20.19 -2.10 -6.76
C ASN B 131 -18.82 -2.71 -6.46
N SER B 132 -18.29 -2.46 -5.26
CA SER B 132 -17.05 -3.10 -4.79
C SER B 132 -17.13 -4.61 -4.91
N LEU B 133 -18.17 -5.18 -4.35
CA LEU B 133 -18.43 -6.63 -4.40
C LEU B 133 -18.62 -7.19 -5.83
N ARG B 134 -19.31 -6.47 -6.71
CA ARG B 134 -19.45 -6.91 -8.11
CA ARG B 134 -19.45 -6.92 -8.11
C ARG B 134 -18.07 -7.10 -8.75
N GLN B 135 -17.16 -6.13 -8.55
CA GLN B 135 -15.84 -6.15 -9.20
C GLN B 135 -14.99 -7.25 -8.59
N GLN B 136 -15.10 -7.46 -7.30
CA GLN B 136 -14.34 -8.55 -6.67
C GLN B 136 -14.85 -9.88 -7.18
N GLU B 137 -16.14 -9.98 -7.47
CA GLU B 137 -16.63 -11.24 -8.09
C GLU B 137 -15.86 -11.58 -9.35
N PHE B 138 -15.56 -10.57 -10.16
CA PHE B 138 -14.84 -10.75 -11.39
C PHE B 138 -13.36 -11.09 -11.11
N VAL B 139 -12.72 -10.33 -10.22
CA VAL B 139 -11.30 -10.55 -9.98
C VAL B 139 -11.10 -11.91 -9.27
N LEU B 140 -11.84 -12.18 -8.21
CA LEU B 140 -11.77 -13.50 -7.57
C LEU B 140 -12.22 -14.58 -8.57
N GLY B 141 -13.20 -14.23 -9.39
CA GLY B 141 -13.71 -15.21 -10.34
C GLY B 141 -12.65 -15.74 -11.26
N THR B 142 -11.59 -14.95 -11.55
CA THR B 142 -10.65 -15.33 -12.58
C THR B 142 -9.91 -16.61 -12.28
N LEU B 143 -9.70 -16.88 -10.99
CA LEU B 143 -8.98 -18.06 -10.53
C LEU B 143 -9.94 -18.92 -9.76
N GLY B 144 -11.22 -18.55 -9.80
CA GLY B 144 -12.27 -19.30 -9.09
C GLY B 144 -12.54 -20.67 -9.62
N VAL B 145 -12.21 -20.90 -10.89
CA VAL B 145 -12.43 -22.21 -11.49
C VAL B 145 -11.43 -23.25 -11.02
N PHE B 146 -10.29 -22.81 -10.51
CA PHE B 146 -9.20 -23.72 -10.15
C PHE B 146 -9.54 -24.44 -8.87
N ASP B 147 -9.13 -25.70 -8.72
CA ASP B 147 -9.35 -26.41 -7.45
C ASP B 147 -8.27 -26.00 -6.42
N LEU B 148 -8.47 -24.85 -5.79
CA LEU B 148 -7.53 -24.31 -4.82
C LEU B 148 -8.27 -24.17 -3.51
N GLN B 149 -7.53 -24.28 -2.42
CA GLN B 149 -8.08 -23.85 -1.15
C GLN B 149 -8.32 -22.36 -1.27
N VAL B 150 -9.39 -21.85 -0.70
CA VAL B 150 -9.76 -20.48 -0.99
C VAL B 150 -8.68 -19.51 -0.48
N ASP B 151 -7.99 -19.86 0.62
CA ASP B 151 -6.95 -18.97 1.13
C ASP B 151 -5.73 -18.97 0.22
N GLU B 152 -5.58 -19.96 -0.66
CA GLU B 152 -4.52 -19.87 -1.67
C GLU B 152 -4.93 -18.93 -2.80
N LEU B 153 -6.19 -19.02 -3.22
CA LEU B 153 -6.81 -18.09 -4.17
C LEU B 153 -6.62 -16.66 -3.69
N LEU B 154 -6.97 -16.41 -2.44
CA LEU B 154 -6.85 -15.07 -1.90
C LEU B 154 -5.37 -14.62 -1.84
N SER B 155 -4.48 -15.58 -1.57
CA SER B 155 -3.05 -15.29 -1.56
C SER B 155 -2.54 -14.90 -2.94
N LEU B 156 -2.88 -15.63 -3.98
CA LEU B 156 -2.52 -15.24 -5.37
C LEU B 156 -3.20 -13.94 -5.84
N ILE B 157 -4.46 -13.80 -5.54
CA ILE B 157 -5.11 -12.53 -5.86
C ILE B 157 -4.47 -11.36 -5.05
N GLY B 158 -4.07 -11.65 -3.82
CA GLY B 158 -3.34 -10.66 -3.00
C GLY B 158 -2.08 -10.18 -3.70
N LEU B 159 -1.33 -11.09 -4.29
CA LEU B 159 -0.10 -10.71 -5.05
C LEU B 159 -0.42 -9.73 -6.18
N TYR B 160 -1.52 -10.03 -6.89
CA TYR B 160 -1.94 -9.33 -8.10
C TYR B 160 -2.41 -7.94 -7.70
N ASN B 161 -3.26 -7.90 -6.70
CA ASN B 161 -3.82 -6.66 -6.26
C ASN B 161 -2.79 -5.75 -5.60
N GLY B 162 -1.89 -6.33 -4.82
CA GLY B 162 -0.74 -5.62 -4.29
C GLY B 162 0.14 -4.92 -5.33
N TYR B 163 0.45 -5.62 -6.43
CA TYR B 163 1.21 -5.03 -7.50
C TYR B 163 0.49 -3.80 -8.10
N VAL B 164 -0.79 -3.92 -8.44
CA VAL B 164 -1.52 -2.84 -9.04
C VAL B 164 -1.61 -1.67 -8.11
N GLU B 165 -1.98 -1.92 -6.85
CA GLU B 165 -2.10 -0.85 -5.86
C GLU B 165 -0.78 -0.16 -5.48
N SER B 166 0.29 -0.93 -5.26
CA SER B 166 1.60 -0.32 -4.89
C SER B 166 2.05 0.58 -5.99
N PHE B 167 2.03 0.07 -7.22
CA PHE B 167 2.42 0.85 -8.41
C PHE B 167 1.62 2.14 -8.52
N VAL B 168 0.29 2.08 -8.43
CA VAL B 168 -0.51 3.26 -8.74
C VAL B 168 -0.59 4.22 -7.56
N ARG B 169 -0.64 3.69 -6.34
CA ARG B 169 -0.40 4.55 -5.18
C ARG B 169 0.91 5.32 -5.31
N ASN B 170 1.99 4.67 -5.73
CA ASN B 170 3.24 5.39 -6.00
C ASN B 170 3.12 6.41 -7.15
N GLU B 171 2.32 6.08 -8.16
CA GLU B 171 2.16 6.95 -9.32
C GLU B 171 1.45 8.24 -8.90
N VAL B 172 0.34 8.05 -8.23
CA VAL B 172 -0.39 9.13 -7.66
C VAL B 172 0.49 10.00 -6.76
N GLY B 173 1.27 9.33 -5.91
CA GLY B 173 2.24 10.02 -5.06
C GLY B 173 3.18 10.94 -5.82
N TRP B 174 3.69 10.49 -6.95
CA TRP B 174 4.52 11.38 -7.77
C TRP B 174 3.76 12.63 -8.22
N LEU B 175 2.51 12.47 -8.65
CA LEU B 175 1.74 13.61 -9.16
C LEU B 175 1.46 14.61 -8.05
N GLU B 176 1.02 14.12 -6.89
CA GLU B 176 0.79 14.96 -5.72
C GLU B 176 2.07 15.71 -5.28
N GLU B 177 3.21 15.06 -5.47
CA GLU B 177 4.50 15.58 -5.06
C GLU B 177 4.93 16.63 -6.07
N ALA B 178 4.76 16.33 -7.35
CA ALA B 178 5.12 17.28 -8.40
C ALA B 178 4.36 18.60 -8.25
N ARG B 179 3.08 18.54 -7.91
CA ARG B 179 2.28 19.76 -7.79
C ARG B 179 2.79 20.66 -6.65
N ARG B 180 3.60 20.09 -5.75
CA ARG B 180 4.17 20.86 -4.66
C ARG B 180 5.59 21.36 -5.02
N THR B 181 6.44 20.43 -5.47
CA THR B 181 7.86 20.68 -5.70
C THR B 181 8.16 21.14 -7.11
N LYS B 182 7.25 20.87 -8.03
CA LYS B 182 7.49 21.09 -9.47
C LYS B 182 8.51 20.12 -10.07
N VAL B 183 8.88 19.10 -9.32
CA VAL B 183 9.85 18.10 -9.79
C VAL B 183 9.13 16.73 -9.82
N ASP B 184 9.04 16.17 -11.03
CA ASP B 184 8.30 14.93 -11.28
C ASP B 184 9.29 13.75 -11.24
N MET B 185 8.84 12.53 -11.47
CA MET B 185 9.75 11.35 -11.41
C MET B 185 11.03 11.46 -12.25
N ARG B 186 10.89 11.88 -13.51
CA ARG B 186 12.05 11.95 -14.39
C ARG B 186 13.05 13.02 -13.93
N GLU B 187 12.53 14.12 -13.43
CA GLU B 187 13.33 15.23 -12.99
C GLU B 187 14.00 14.93 -11.65
N TRP B 188 13.28 14.27 -10.75
CA TRP B 188 13.86 13.80 -9.49
C TRP B 188 15.00 12.82 -9.73
N MET B 189 14.87 11.96 -10.73
CA MET B 189 15.95 10.98 -10.99
C MET B 189 17.24 11.63 -11.44
N ARG B 190 17.10 12.65 -12.29
CA ARG B 190 18.24 13.41 -12.78
C ARG B 190 18.91 14.18 -11.61
N ARG B 191 18.11 14.88 -10.80
CA ARG B 191 18.63 15.71 -9.73
C ARG B 191 19.18 14.87 -8.57
N SER B 192 18.78 13.60 -8.48
CA SER B 192 19.24 12.76 -7.41
C SER B 192 20.54 12.10 -7.81
N GLY B 193 21.02 12.38 -9.01
CA GLY B 193 22.20 11.70 -9.54
C GLY B 193 23.40 11.81 -8.62
N PRO B 194 23.74 13.04 -8.23
CA PRO B 194 24.87 13.24 -7.33
C PRO B 194 24.74 12.55 -5.98
N TYR B 195 23.57 12.61 -5.36
CA TYR B 195 23.40 11.91 -4.10
C TYR B 195 23.58 10.40 -4.30
N ALA B 196 23.04 9.87 -5.41
CA ALA B 196 23.17 8.46 -5.75
C ALA B 196 24.63 8.06 -5.88
N GLN B 197 25.43 8.91 -6.51
CA GLN B 197 26.86 8.63 -6.69
C GLN B 197 27.59 8.63 -5.33
N GLN B 198 27.13 9.48 -4.44
CA GLN B 198 27.73 9.57 -3.12
C GLN B 198 27.49 8.25 -2.37
N LEU B 199 26.25 7.74 -2.44
CA LEU B 199 25.87 6.47 -1.82
C LEU B 199 26.66 5.30 -2.43
N VAL B 200 26.84 5.30 -3.74
CA VAL B 200 27.67 4.28 -4.39
C VAL B 200 29.09 4.42 -3.88
N ASP B 201 29.62 5.64 -3.87
CA ASP B 201 31.01 5.92 -3.36
C ASP B 201 31.24 5.58 -1.89
N SER B 202 30.16 5.52 -1.10
CA SER B 202 30.25 5.14 0.31
C SER B 202 30.79 3.74 0.46
N GLY B 203 30.41 2.90 -0.52
CA GLY B 203 30.76 1.49 -0.56
C GLY B 203 29.94 0.62 0.36
N GLU B 204 28.98 1.22 1.05
CA GLU B 204 28.14 0.48 1.99
C GLU B 204 26.90 -0.17 1.40
N TYR B 205 26.61 0.08 0.12
CA TYR B 205 25.39 -0.39 -0.54
C TYR B 205 25.65 -1.03 -1.90
N PRO B 206 26.37 -2.16 -1.93
CA PRO B 206 26.69 -2.75 -3.22
C PRO B 206 25.46 -3.27 -4.00
N MET B 207 24.40 -3.70 -3.31
CA MET B 207 23.15 -4.13 -4.00
C MET B 207 22.36 -2.94 -4.56
N PHE B 208 22.19 -1.87 -3.78
CA PHE B 208 21.65 -0.61 -4.30
C PHE B 208 22.38 -0.21 -5.58
N ALA B 209 23.72 -0.29 -5.57
CA ALA B 209 24.53 0.08 -6.74
C ALA B 209 24.21 -0.80 -7.96
N ARG B 210 24.06 -2.09 -7.74
CA ARG B 210 23.79 -3.04 -8.81
C ARG B 210 22.40 -2.78 -9.33
N VAL B 211 21.47 -2.39 -8.45
CA VAL B 211 20.17 -1.94 -8.92
C VAL B 211 20.33 -0.69 -9.80
N LEU B 212 21.08 0.30 -9.34
CA LEU B 212 21.25 1.53 -10.14
C LEU B 212 21.97 1.30 -11.48
N ALA B 213 22.92 0.38 -11.48
CA ALA B 213 23.64 0.05 -12.71
C ALA B 213 22.79 -0.75 -13.73
N GLU B 214 21.81 -1.51 -13.25
CA GLU B 214 21.22 -2.57 -14.08
C GLU B 214 19.73 -2.45 -14.36
N THR B 215 19.00 -1.65 -13.59
CA THR B 215 17.54 -1.61 -13.72
C THR B 215 17.16 -0.93 -15.02
N VAL B 216 16.11 -1.43 -15.68
CA VAL B 216 15.60 -0.78 -16.89
C VAL B 216 14.30 -0.05 -16.62
N ALA B 217 13.52 -0.52 -15.66
CA ALA B 217 12.13 -0.10 -15.50
C ALA B 217 11.93 1.39 -15.31
N PRO B 218 12.73 2.03 -14.42
CA PRO B 218 12.44 3.43 -14.14
C PRO B 218 12.55 4.33 -15.34
N HIS B 219 13.29 3.87 -16.35
CA HIS B 219 13.45 4.59 -17.64
C HIS B 219 12.35 4.31 -18.66
N MET B 220 11.49 3.35 -18.38
CA MET B 220 10.29 3.16 -19.18
C MET B 220 9.34 4.24 -18.74
N GLY B 221 8.50 4.72 -19.65
CA GLY B 221 7.38 5.57 -19.27
C GLY B 221 6.35 4.78 -18.48
N PRO B 222 5.40 5.48 -17.85
CA PRO B 222 4.47 4.88 -16.92
C PRO B 222 3.65 3.68 -17.45
N ASP B 223 3.02 3.85 -18.60
CA ASP B 223 2.19 2.81 -19.22
C ASP B 223 3.01 1.55 -19.53
N GLN B 224 4.20 1.70 -20.15
CA GLN B 224 5.03 0.54 -20.45
CA GLN B 224 5.08 0.59 -20.44
C GLN B 224 5.61 -0.10 -19.18
N ARG B 225 5.93 0.71 -18.17
CA ARG B 225 6.44 0.21 -16.89
C ARG B 225 5.37 -0.63 -16.16
N PHE B 226 4.20 -0.07 -16.02
CA PHE B 226 3.08 -0.81 -15.47
C PHE B 226 2.86 -2.17 -16.18
N ARG B 227 2.78 -2.13 -17.50
CA ARG B 227 2.51 -3.35 -18.26
C ARG B 227 3.62 -4.41 -18.07
N SER B 228 4.90 -3.99 -18.13
CA SER B 228 5.96 -4.97 -17.98
C SER B 228 6.06 -5.55 -16.53
N GLY B 229 5.76 -4.70 -15.55
CA GLY B 229 5.58 -5.15 -14.19
C GLY B 229 4.42 -6.12 -14.05
N LEU B 230 3.34 -5.85 -14.78
CA LEU B 230 2.17 -6.74 -14.72
C LEU B 230 2.51 -8.07 -15.34
N GLU B 231 3.21 -8.09 -16.48
CA GLU B 231 3.59 -9.37 -17.07
C GLU B 231 4.45 -10.24 -16.14
N ARG B 232 5.37 -9.62 -15.40
CA ARG B 232 6.17 -10.35 -14.42
C ARG B 232 5.30 -10.87 -13.31
N LEU B 233 4.42 -10.03 -12.79
CA LEU B 233 3.46 -10.48 -11.75
C LEU B 233 2.66 -11.67 -12.29
N LEU B 234 2.05 -11.52 -13.47
CA LEU B 234 1.28 -12.63 -14.07
C LEU B 234 2.08 -13.91 -14.26
N ASP B 235 3.36 -13.82 -14.63
CA ASP B 235 4.20 -15.00 -14.77
C ASP B 235 4.45 -15.68 -13.43
N SER B 236 4.50 -14.90 -12.32
CA SER B 236 4.67 -15.46 -10.99
C SER B 236 3.41 -16.17 -10.58
N ILE B 237 2.25 -15.56 -10.83
CA ILE B 237 1.00 -16.31 -10.58
C ILE B 237 0.95 -17.61 -11.41
N GLY B 238 1.33 -17.49 -12.67
CA GLY B 238 1.36 -18.62 -13.55
C GLY B 238 2.22 -19.72 -13.00
N ALA B 239 3.41 -19.37 -12.55
CA ALA B 239 4.33 -20.37 -12.04
C ALA B 239 3.77 -21.04 -10.81
N SER B 240 3.03 -20.32 -9.99
CA SER B 240 2.38 -20.96 -8.84
C SER B 240 1.32 -21.96 -9.23
N LEU B 241 0.57 -21.63 -10.27
CA LEU B 241 -0.52 -22.49 -10.76
C LEU B 241 0.05 -23.77 -11.35
N ASP B 242 1.20 -23.67 -12.02
CA ASP B 242 1.88 -24.86 -12.56
C ASP B 242 2.40 -25.74 -11.45
N ARG B 243 2.81 -25.13 -10.36
CA ARG B 243 3.20 -25.89 -9.20
C ARG B 243 2.06 -26.67 -8.61
N LEU B 244 0.93 -26.01 -8.38
CA LEU B 244 -0.24 -26.66 -7.76
C LEU B 244 -0.96 -27.56 -8.74
N SER B 245 -0.77 -27.30 -10.04
CA SER B 245 -1.36 -28.09 -11.12
C SER B 245 -0.34 -28.36 -12.22
N PRO B 246 0.52 -29.36 -12.06
CA PRO B 246 1.50 -29.65 -13.11
C PRO B 246 0.76 -29.98 -14.40
N PRO B 247 1.33 -29.74 -15.59
CA PRO B 247 2.73 -29.59 -15.87
C PRO B 247 2.98 -28.13 -16.20
CL4 SM8 C . -13.18 -1.55 -7.67
C4G SM8 C . -12.17 -2.34 -8.86
C4F SM8 C . -12.24 -1.99 -10.28
O4B SM8 C . -13.12 -1.01 -10.69
C4E SM8 C . -11.39 -2.65 -11.23
C4D SM8 C . -10.47 -3.68 -10.77
C4C SM8 C . -10.44 -4.01 -9.41
C4H SM8 C . -11.30 -3.31 -8.44
O1D SM8 C . -22.13 -18.06 9.13
O4C SM8 C . -11.27 -3.61 -7.10
C4I SM8 C . -10.40 -4.47 -6.59
O4D SM8 C . -10.44 -4.72 -5.32
C4B SM8 C . -9.52 -4.98 -8.92
O4A SM8 C . -8.66 -5.64 -9.78
C4A SM8 C . -9.46 -5.20 -7.46
C1D SM8 C . -16.78 -15.94 8.90
N4 SM8 C . -9.00 -6.27 -7.00
C3J SM8 C . -9.80 -7.03 -6.26
O3B SM8 C . -11.03 -6.89 -6.29
C3I SM8 C . -9.26 -7.87 -5.32
C3H SM8 C . -10.07 -8.63 -4.53
C1N SM8 C . -20.64 -16.26 9.36
C3G SM8 C . -9.87 -8.71 -3.20
C3F SM8 C . -10.08 -9.89 -2.54
C3E SM8 C . -10.17 -9.92 -1.17
C3D SM8 C . -10.71 -10.98 -0.56
C3C SM8 C . -10.68 -11.08 0.81
C3B SM8 C . -11.79 -11.37 1.47
C3A SM8 C . -11.75 -11.61 2.83
O3A SM8 C . -10.71 -11.92 3.38
O2D SM8 C . -12.96 -11.44 3.62
C2C SM8 C . -12.75 -11.60 5.04
C2D SM8 C . -12.49 -10.19 5.68
O2B SM8 C . -11.11 -9.80 5.44
C2G SM8 C . -11.00 -8.87 4.34
C2H SM8 C . -9.63 -8.33 3.99
O2C SM8 C . -12.02 -8.52 3.73
C2E SM8 C . -12.75 -10.21 7.21
C2F SM8 C . -12.63 -8.80 7.82
O2A SM8 C . -14.01 -10.72 7.45
C2B SM8 C . -13.99 -12.29 5.65
C2A SM8 C . -14.08 -12.09 7.15
C1A SM8 C . -15.36 -12.63 7.64
C1S SM8 C . -16.49 -11.80 7.72
C1R SM8 C . -17.73 -12.32 8.19
C1Q SM8 C . -17.83 -13.67 8.59
C1P SM8 C . -19.10 -14.20 9.01
O1G SM8 C . -19.98 -13.44 9.40
C1B SM8 C . -15.45 -14.01 7.98
O1A SM8 C . -14.37 -14.81 7.87
C1C SM8 C . -16.71 -14.56 8.42
O1B SM8 C . -15.88 -16.70 8.25
C1E SM8 C . -18.18 -16.54 8.77
O1H SM8 C . -18.88 -16.18 7.58
C1O SM8 C . -19.36 -15.63 8.83
O1F SM8 C . -20.43 -16.62 10.72
C1F SM8 C . -18.43 -18.00 9.24
O4E SM8 C . -18.43 -18.04 10.67
C1G SM8 C . -19.80 -18.59 8.70
C1H SM8 C . -20.96 -17.50 8.59
C1J SM8 C . -21.22 -17.17 7.12
C1I SM8 C . -22.25 -16.04 6.98
C1K SM8 C . -22.92 -15.81 5.67
C1L SM8 C . -22.53 -15.21 8.03
C1M SM8 C . -21.79 -15.32 9.27
O1C SM8 C . -22.16 -14.71 10.28
CL CL D . -0.59 8.66 11.94
CL CL E . 5.57 22.29 9.92
CL CL F . -8.75 -5.77 15.66
CL4 SM8 G . 13.10 -0.53 6.89
C4G SM8 G . 12.80 -2.25 6.88
C4F SM8 G . 12.88 -3.03 8.09
O4B SM8 G . 13.23 -2.42 9.27
C4E SM8 G . 12.63 -4.42 8.06
C4D SM8 G . 12.29 -5.05 6.81
C4C SM8 G . 12.20 -4.27 5.65
C4H SM8 G . 12.45 -2.84 5.70
O1D SM8 G . 25.20 7.30 -13.45
O4C SM8 G . 12.37 -2.06 4.57
C4I SM8 G . 11.99 -2.54 3.39
O4D SM8 G . 11.93 -1.76 2.36
C4B SM8 G . 11.81 -4.87 4.40
O4A SM8 G . 11.56 -6.20 4.32
C4A SM8 G . 11.66 -3.99 3.24
C1D SM8 G . 19.73 5.41 -12.96
N4 SM8 G . 11.68 -4.48 2.07
C3J SM8 G . 12.57 -4.01 1.20
O3B SM8 G . 13.54 -3.36 1.58
C3I SM8 G . 12.34 -4.12 -0.11
C3H SM8 G . 13.22 -3.61 -0.98
C1N SM8 G . 23.00 7.65 -12.69
C3G SM8 G . 12.83 -2.72 -1.91
C3F SM8 G . 13.69 -2.33 -2.86
C3E SM8 G . 13.24 -1.76 -3.98
C3D SM8 G . 14.12 -1.30 -4.89
C3C SM8 G . 13.74 -0.39 -5.81
C3B SM8 G . 14.45 0.71 -5.97
C3A SM8 G . 14.41 1.39 -7.14
O3A SM8 G . 13.68 1.03 -8.06
O2D SM8 G . 15.25 2.55 -7.32
C2C SM8 G . 14.88 3.35 -8.46
C2D SM8 G . 13.74 4.36 -8.04
O2B SM8 G . 12.50 3.69 -8.08
C2G SM8 G . 12.07 3.24 -6.79
C2H SM8 G . 10.73 2.56 -6.65
O2C SM8 G . 12.82 3.39 -5.86
C2E SM8 G . 13.69 5.59 -8.98
C2F SM8 G . 12.78 6.67 -8.41
O2A SM8 G . 14.97 6.11 -9.17
C2B SM8 G . 16.13 4.07 -8.98
C2A SM8 G . 15.77 5.22 -9.87
C1A SM8 G . 17.02 5.90 -10.33
C1S SM8 G . 17.47 7.04 -9.67
C1R SM8 G . 18.66 7.68 -10.09
C1Q SM8 G . 19.41 7.17 -11.16
C1P SM8 G . 20.64 7.81 -11.56
O1G SM8 G . 20.89 8.92 -11.18
C1B SM8 G . 17.80 5.32 -11.40
O1A SM8 G . 17.37 4.21 -12.04
C1C SM8 G . 19.01 5.93 -11.79
O1B SM8 G . 19.57 4.07 -13.05
C1E SM8 G . 21.22 5.74 -12.94
O1H SM8 G . 21.80 5.69 -11.63
C1O SM8 G . 21.66 6.99 -12.22
O1F SM8 G . 22.73 8.48 -13.81
C1F SM8 G . 22.16 5.06 -14.02
O4E SM8 G . 21.44 4.94 -15.25
C1G SM8 G . 23.50 5.85 -14.29
C1H SM8 G . 23.99 6.63 -13.08
C1J SM8 G . 24.30 5.70 -11.89
C1I SM8 G . 24.71 6.55 -10.65
C1K SM8 G . 25.48 5.91 -9.53
C1L SM8 G . 24.36 7.87 -10.56
C1M SM8 G . 23.55 8.48 -11.63
O1C SM8 G . 23.46 9.71 -11.71
CL CL H . -6.98 13.32 -1.26
CL CL I . -16.18 11.80 10.68
CL CL J . 5.92 11.65 -12.20
#